data_9H92
#
_entry.id   9H92
#
_cell.length_a   65.115
_cell.length_b   115.720
_cell.length_c   137.426
_cell.angle_alpha   90.00
_cell.angle_beta   90.00
_cell.angle_gamma   90.00
#
_symmetry.space_group_name_H-M   'C 2 2 21'
#
loop_
_entity.id
_entity.type
_entity.pdbx_description
1 polymer 'FAD-linked oxidoreductase sorD'
2 branched alpha-D-mannopyranose-(1-6)-alpha-D-mannopyranose-(1-4)-2-acetamido-2-deoxy-beta-D-glucopyranose-(1-4)-2-acetamido-2-deoxy-beta-D-glucopyranose
3 branched 2-acetamido-2-deoxy-beta-D-glucopyranose-(1-4)-2-acetamido-2-deoxy-beta-D-glucopyranose
4 non-polymer 'FLAVIN-ADENINE DINUCLEOTIDE'
5 non-polymer 2-acetamido-2-deoxy-beta-D-glucopyranose
6 non-polymer 'THIOCYANATE ION'
7 water water
#
_entity_poly.entity_id   1
_entity_poly.type   'polypeptide(L)'
_entity_poly.pdbx_seq_one_letter_code
;MQAASAFATCLLASVGGNSSAVAFPNQANYSTLVAPYNFDLLTTPSAIVWPQDTQQVAAAVKCAVDSDIKVQPKSGGHNY
GNYGSTTGELSVNLDNLQHFSMNETSWTARLGPGNRLGRVTELMYNNGGRHVPHGTTFTVGLGGHATVGGAGAASRMHGL
LLDYVEEVEVVLANSSIVRASKSHNEDLFFAVRGAASSVGIVTDFSIRTEPVPVSSVTYSYIWEGTDPAARAEVFLTWQS
LLAGGSLPQHMAYDLVATANSMILGGAYFGSQEDFEAFNLSSHFKVAPDVTHIKTYTNFFDFSAAASAQTKAAGIASPSH
FYAKSLVFNQQTLIPDDAAEEVFKYLATTKNGTDLYAVTFAALGGAVRDVSASETAFYHRDASYFMFSFGRTSGDLTDTT
VQFLDGLSEVLTSGQPDAYYGQYVGNVDPRQPTDEALTGYYGKNLHRLQQIKSAVDPNDVFHNQQSIPPLS
;
_entity_poly.pdbx_strand_id   A
#
loop_
_chem_comp.id
_chem_comp.type
_chem_comp.name
_chem_comp.formula
FAD non-polymer 'FLAVIN-ADENINE DINUCLEOTIDE' 'C27 H33 N9 O15 P2'
MAN D-saccharide, alpha linking alpha-D-mannopyranose 'C6 H12 O6'
NAG D-saccharide, beta linking 2-acetamido-2-deoxy-beta-D-glucopyranose 'C8 H15 N O6'
SCN non-polymer 'THIOCYANATE ION' 'C N S -1'
#
# COMPACT_ATOMS: atom_id res chain seq x y z
N SER A 5 -0.11 -28.95 22.52
CA SER A 5 0.10 -27.84 23.48
C SER A 5 -1.26 -27.26 23.84
N ALA A 6 -1.32 -26.53 24.95
CA ALA A 6 -2.51 -25.77 25.31
C ALA A 6 -2.88 -24.84 24.15
N PHE A 7 -1.87 -24.16 23.59
CA PHE A 7 -2.08 -23.25 22.46
C PHE A 7 -2.77 -23.95 21.29
N ALA A 8 -2.24 -25.11 20.88
CA ALA A 8 -2.81 -25.85 19.77
C ALA A 8 -4.25 -26.27 20.04
N THR A 9 -4.52 -26.79 21.25
CA THR A 9 -5.85 -27.21 21.64
C THR A 9 -6.81 -26.01 21.55
N CYS A 10 -6.37 -24.92 22.12
CA CYS A 10 -7.18 -23.71 22.21
C CYS A 10 -7.50 -23.21 20.81
N LEU A 11 -6.57 -23.47 20.06
CA LEU A 11 -6.70 -22.71 18.81
C LEU A 11 -7.54 -23.49 17.80
N LEU A 12 -7.51 -24.86 17.89
CA LEU A 12 -8.45 -25.76 17.26
C LEU A 12 -9.87 -25.48 17.73
N ALA A 13 -10.06 -25.29 19.05
CA ALA A 13 -11.38 -24.96 19.54
C ALA A 13 -11.84 -23.59 19.03
N SER A 14 -10.91 -22.61 18.85
CA SER A 14 -11.31 -21.30 18.34
C SER A 14 -12.00 -21.38 16.99
N VAL A 15 -11.70 -22.42 16.17
CA VAL A 15 -12.35 -22.63 14.90
C VAL A 15 -13.31 -23.83 14.95
N GLY A 16 -13.82 -24.16 16.15
CA GLY A 16 -14.91 -25.12 16.25
C GLY A 16 -14.50 -26.55 15.94
N GLY A 17 -13.21 -26.87 16.10
CA GLY A 17 -12.73 -28.23 15.87
C GLY A 17 -12.48 -28.52 14.39
N ASN A 18 -12.56 -27.51 13.53
CA ASN A 18 -12.28 -27.72 12.13
C ASN A 18 -10.76 -27.73 11.92
N SER A 19 -10.16 -28.93 11.79
CA SER A 19 -8.71 -29.07 11.72
C SER A 19 -8.13 -28.50 10.42
N SER A 20 -8.97 -28.27 9.40
CA SER A 20 -8.61 -27.60 8.16
C SER A 20 -8.49 -26.09 8.34
N ALA A 21 -8.92 -25.55 9.48
CA ALA A 21 -8.92 -24.10 9.68
C ALA A 21 -7.80 -23.66 10.63
N VAL A 22 -6.90 -24.60 10.95
CA VAL A 22 -5.69 -24.33 11.69
C VAL A 22 -4.54 -25.09 11.04
N ALA A 23 -3.35 -24.49 11.10
CA ALA A 23 -2.13 -25.18 10.68
C ALA A 23 -0.99 -24.86 11.65
N PHE A 24 -0.16 -25.88 11.91
CA PHE A 24 0.98 -25.72 12.79
C PHE A 24 2.28 -26.10 12.08
N PRO A 25 3.44 -25.56 12.54
CA PRO A 25 4.74 -25.90 11.97
C PRO A 25 4.83 -27.43 12.07
N ASN A 26 5.47 -28.02 11.11
CA ASN A 26 5.60 -29.46 11.11
C ASN A 26 4.39 -30.13 10.49
N GLN A 27 3.38 -29.38 10.02
CA GLN A 27 2.36 -30.00 9.19
C GLN A 27 2.99 -29.98 7.79
N ALA A 28 2.68 -31.00 6.99
CA ALA A 28 3.01 -30.95 5.58
C ALA A 28 2.49 -29.67 4.95
N ASN A 29 3.31 -29.11 4.07
CA ASN A 29 2.93 -27.96 3.28
C ASN A 29 2.88 -26.66 4.08
N TYR A 30 3.43 -26.64 5.30
CA TYR A 30 3.30 -25.45 6.11
C TYR A 30 3.91 -24.23 5.43
N SER A 31 5.12 -24.39 4.86
CA SER A 31 5.75 -23.23 4.26
C SER A 31 4.95 -22.68 3.07
N THR A 32 4.17 -23.51 2.35
CA THR A 32 3.29 -23.06 1.30
C THR A 32 2.05 -22.40 1.92
N LEU A 33 1.48 -22.97 2.97
CA LEU A 33 0.32 -22.37 3.63
C LEU A 33 0.62 -20.96 4.15
N VAL A 34 1.86 -20.73 4.65
CA VAL A 34 2.28 -19.40 5.07
C VAL A 34 2.17 -18.38 3.93
N ALA A 35 2.43 -18.83 2.69
CA ALA A 35 2.17 -18.03 1.49
C ALA A 35 2.97 -16.75 1.51
N PRO A 36 4.32 -16.82 1.49
CA PRO A 36 5.13 -15.61 1.47
C PRO A 36 4.90 -14.80 0.20
N TYR A 37 4.95 -13.46 0.36
CA TYR A 37 4.95 -12.56 -0.77
C TYR A 37 6.40 -12.28 -1.13
N ASN A 38 7.17 -11.79 -0.17
CA ASN A 38 8.61 -11.66 -0.37
C ASN A 38 9.25 -13.02 -0.14
N PHE A 39 9.99 -13.51 -1.14
CA PHE A 39 10.52 -14.87 -1.07
C PHE A 39 11.84 -14.94 -0.31
N ASP A 40 12.42 -13.79 0.06
CA ASP A 40 13.65 -13.76 0.81
C ASP A 40 13.39 -13.84 2.32
N LEU A 41 12.35 -13.15 2.78
CA LEU A 41 12.07 -13.00 4.19
C LEU A 41 11.04 -14.06 4.61
N LEU A 42 11.43 -15.33 4.47
CA LEU A 42 10.56 -16.44 4.81
C LEU A 42 10.38 -16.50 6.31
N THR A 43 9.22 -16.93 6.76
CA THR A 43 8.88 -16.87 8.17
C THR A 43 8.28 -18.21 8.58
N THR A 44 8.21 -18.40 9.91
CA THR A 44 7.56 -19.57 10.50
C THR A 44 6.67 -19.06 11.63
N PRO A 45 5.45 -18.65 11.30
CA PRO A 45 4.47 -18.35 12.36
C PRO A 45 4.35 -19.52 13.32
N SER A 46 4.00 -19.24 14.59
CA SER A 46 3.74 -20.31 15.55
C SER A 46 2.51 -21.12 15.15
N ALA A 47 1.56 -20.48 14.44
CA ALA A 47 0.40 -21.15 13.88
C ALA A 47 -0.28 -20.21 12.90
N ILE A 48 -1.12 -20.80 12.04
CA ILE A 48 -2.01 -20.07 11.16
C ILE A 48 -3.43 -20.51 11.50
N VAL A 49 -4.36 -19.57 11.57
CA VAL A 49 -5.77 -19.92 11.81
C VAL A 49 -6.61 -19.18 10.77
N TRP A 50 -7.71 -19.82 10.34
CA TRP A 50 -8.65 -19.27 9.37
C TRP A 50 -10.02 -19.08 10.00
N PRO A 51 -10.22 -18.03 10.81
CA PRO A 51 -11.52 -17.82 11.44
C PRO A 51 -12.61 -17.62 10.39
N GLN A 52 -13.82 -18.03 10.76
CA GLN A 52 -15.00 -17.83 9.91
C GLN A 52 -15.63 -16.45 10.09
N ASP A 53 -15.45 -15.82 11.25
CA ASP A 53 -16.19 -14.62 11.60
C ASP A 53 -15.47 -13.88 12.74
N THR A 54 -16.03 -12.75 13.17
CA THR A 54 -15.43 -11.92 14.19
C THR A 54 -15.22 -12.71 15.48
N GLN A 55 -16.24 -13.45 15.94
CA GLN A 55 -16.12 -14.22 17.17
C GLN A 55 -14.89 -15.15 17.14
N GLN A 56 -14.63 -15.78 16.00
CA GLN A 56 -13.53 -16.73 15.93
C GLN A 56 -12.19 -15.98 15.89
N VAL A 57 -12.19 -14.77 15.35
CA VAL A 57 -11.02 -13.91 15.44
C VAL A 57 -10.75 -13.64 16.92
N ALA A 58 -11.79 -13.24 17.68
CA ALA A 58 -11.63 -12.89 19.08
C ALA A 58 -11.14 -14.11 19.86
N ALA A 59 -11.70 -15.29 19.56
CA ALA A 59 -11.29 -16.50 20.23
C ALA A 59 -9.82 -16.83 19.95
N ALA A 60 -9.40 -16.66 18.71
CA ALA A 60 -8.02 -17.00 18.34
C ALA A 60 -7.01 -16.04 18.98
N VAL A 61 -7.37 -14.76 19.07
CA VAL A 61 -6.51 -13.79 19.74
C VAL A 61 -6.31 -14.20 21.20
N LYS A 62 -7.39 -14.56 21.85
CA LYS A 62 -7.29 -15.01 23.24
C LYS A 62 -6.36 -16.22 23.38
N CYS A 63 -6.43 -17.18 22.45
CA CYS A 63 -5.56 -18.32 22.50
C CYS A 63 -4.10 -17.89 22.51
N ALA A 64 -3.74 -16.94 21.64
CA ALA A 64 -2.39 -16.38 21.62
C ALA A 64 -2.05 -15.71 22.95
N VAL A 65 -2.94 -14.83 23.43
CA VAL A 65 -2.68 -14.10 24.65
C VAL A 65 -2.45 -15.09 25.80
N ASP A 66 -3.27 -16.14 25.89
CA ASP A 66 -3.20 -17.12 26.96
C ASP A 66 -1.86 -17.86 26.96
N SER A 67 -1.19 -17.95 25.79
CA SER A 67 0.08 -18.64 25.68
C SER A 67 1.27 -17.71 25.49
N ASP A 68 1.07 -16.41 25.74
CA ASP A 68 2.12 -15.40 25.61
C ASP A 68 2.70 -15.39 24.21
N ILE A 69 1.81 -15.49 23.23
CA ILE A 69 2.16 -15.37 21.83
C ILE A 69 1.53 -14.10 21.28
N LYS A 70 2.28 -13.42 20.41
CA LYS A 70 1.81 -12.20 19.77
C LYS A 70 1.13 -12.53 18.44
N VAL A 71 0.51 -11.53 17.81
CA VAL A 71 -0.49 -11.76 16.76
C VAL A 71 -0.33 -10.74 15.64
N GLN A 72 -0.43 -11.23 14.40
CA GLN A 72 -0.73 -10.36 13.27
C GLN A 72 -1.82 -11.01 12.46
N PRO A 73 -2.75 -10.19 11.91
CA PRO A 73 -3.66 -10.67 10.88
C PRO A 73 -3.01 -10.67 9.50
N LYS A 74 -3.62 -11.43 8.61
CA LYS A 74 -3.23 -11.42 7.21
C LYS A 74 -4.50 -11.43 6.35
N SER A 75 -4.59 -10.44 5.46
CA SER A 75 -5.75 -10.32 4.58
C SER A 75 -5.34 -10.72 3.16
N GLY A 76 -4.64 -9.85 2.41
CA GLY A 76 -4.15 -10.22 1.09
C GLY A 76 -2.70 -10.70 1.05
N GLY A 77 -1.97 -10.49 2.15
CA GLY A 77 -0.60 -10.98 2.23
C GLY A 77 0.43 -10.18 1.45
N HIS A 78 0.13 -8.94 1.00
CA HIS A 78 1.06 -8.18 0.18
C HIS A 78 2.17 -7.48 0.98
N ASN A 79 2.19 -7.58 2.31
CA ASN A 79 3.25 -6.93 3.10
C ASN A 79 4.65 -7.37 2.61
N TYR A 80 5.54 -6.38 2.43
CA TYR A 80 6.85 -6.63 1.85
C TYR A 80 7.85 -7.25 2.82
N GLY A 81 7.52 -7.32 4.12
CA GLY A 81 8.26 -8.12 5.06
C GLY A 81 7.53 -9.37 5.54
N ASN A 82 6.43 -9.75 4.87
CA ASN A 82 5.60 -10.87 5.31
C ASN A 82 5.18 -10.74 6.77
N TYR A 83 4.87 -9.51 7.20
CA TYR A 83 4.60 -9.27 8.61
C TYR A 83 3.28 -9.90 9.07
N GLY A 84 2.34 -10.17 8.16
CA GLY A 84 1.13 -10.88 8.51
C GLY A 84 1.37 -12.36 8.85
N SER A 85 2.62 -12.80 8.61
CA SER A 85 3.05 -14.15 8.97
C SER A 85 4.31 -14.07 9.83
N THR A 86 4.36 -13.11 10.74
CA THR A 86 5.57 -12.89 11.53
C THR A 86 5.98 -14.18 12.26
N THR A 87 7.29 -14.46 12.23
CA THR A 87 7.83 -15.64 12.88
C THR A 87 7.49 -15.64 14.37
N GLY A 88 7.00 -16.78 14.84
CA GLY A 88 6.79 -17.01 16.25
C GLY A 88 5.44 -16.46 16.73
N GLU A 89 4.72 -15.76 15.85
CA GLU A 89 3.44 -15.20 16.20
C GLU A 89 2.31 -15.95 15.50
N LEU A 90 1.12 -15.74 16.05
CA LEU A 90 -0.09 -16.26 15.41
C LEU A 90 -0.39 -15.42 14.19
N SER A 91 -0.60 -16.12 13.08
CA SER A 91 -1.06 -15.48 11.86
C SER A 91 -2.55 -15.75 11.71
N VAL A 92 -3.33 -14.67 11.82
CA VAL A 92 -4.77 -14.79 11.72
C VAL A 92 -5.15 -14.50 10.26
N ASN A 93 -5.37 -15.57 9.51
CA ASN A 93 -5.61 -15.46 8.07
C ASN A 93 -7.11 -15.20 7.86
N LEU A 94 -7.43 -14.04 7.26
CA LEU A 94 -8.81 -13.56 7.18
C LEU A 94 -9.44 -13.90 5.82
N ASP A 95 -8.97 -14.97 5.17
CA ASP A 95 -9.44 -15.28 3.83
C ASP A 95 -10.94 -15.58 3.81
N ASN A 96 -11.51 -16.07 4.93
CA ASN A 96 -12.93 -16.41 4.95
C ASN A 96 -13.82 -15.18 5.15
N LEU A 97 -13.27 -14.03 5.54
CA LEU A 97 -14.07 -12.85 5.86
C LEU A 97 -14.22 -11.99 4.61
N GLN A 98 -15.04 -12.47 3.69
CA GLN A 98 -15.18 -11.84 2.38
C GLN A 98 -16.62 -11.45 2.09
N HIS A 99 -17.40 -11.18 3.12
CA HIS A 99 -18.75 -10.73 2.86
C HIS A 99 -18.75 -9.37 2.17
N PHE A 100 -19.86 -9.12 1.50
CA PHE A 100 -20.08 -7.88 0.77
C PHE A 100 -21.57 -7.63 0.71
N SER A 101 -21.98 -6.44 1.12
CA SER A 101 -23.36 -6.01 0.93
C SER A 101 -23.37 -4.51 0.66
N MET A 102 -24.33 -4.06 -0.13
CA MET A 102 -24.43 -2.65 -0.52
C MET A 102 -25.73 -2.08 0.04
N ASN A 103 -25.62 -1.01 0.76
CA ASN A 103 -26.75 -0.20 1.20
C ASN A 103 -27.11 0.76 0.06
N GLU A 104 -28.12 0.49 -0.66
CA GLU A 104 -28.39 1.27 -1.87
C GLU A 104 -28.97 2.63 -1.56
N THR A 105 -29.43 2.85 -0.31
CA THR A 105 -29.88 4.20 0.05
C THR A 105 -28.75 5.22 0.02
N SER A 106 -27.56 4.83 0.51
CA SER A 106 -26.43 5.73 0.56
C SER A 106 -25.32 5.30 -0.40
N TRP A 107 -25.45 4.11 -0.97
CA TRP A 107 -24.37 3.46 -1.67
C TRP A 107 -23.14 3.30 -0.76
N THR A 108 -23.39 2.90 0.48
CA THR A 108 -22.30 2.53 1.38
C THR A 108 -22.25 1.01 1.43
N ALA A 109 -21.04 0.46 1.19
CA ALA A 109 -20.83 -0.97 1.13
C ALA A 109 -20.33 -1.43 2.49
N ARG A 110 -20.68 -2.65 2.85
CA ARG A 110 -20.14 -3.29 4.03
C ARG A 110 -19.33 -4.50 3.59
N LEU A 111 -18.06 -4.59 3.99
CA LEU A 111 -17.17 -5.54 3.35
C LEU A 111 -16.23 -6.12 4.40
N GLY A 112 -15.94 -7.40 4.26
CA GLY A 112 -14.95 -8.05 5.10
C GLY A 112 -13.51 -7.78 4.62
N PRO A 113 -12.53 -7.91 5.52
CA PRO A 113 -11.12 -7.65 5.22
C PRO A 113 -10.48 -8.57 4.19
N GLY A 114 -11.03 -9.78 4.06
CA GLY A 114 -10.49 -10.79 3.14
C GLY A 114 -10.79 -10.52 1.69
N ASN A 115 -11.68 -9.56 1.40
CA ASN A 115 -11.93 -9.19 0.02
C ASN A 115 -10.64 -8.65 -0.58
N ARG A 116 -10.24 -9.19 -1.74
CA ARG A 116 -9.13 -8.60 -2.49
C ARG A 116 -9.66 -7.49 -3.40
N LEU A 117 -8.80 -6.58 -3.83
CA LEU A 117 -9.27 -5.38 -4.51
C LEU A 117 -10.01 -5.69 -5.80
N GLY A 118 -9.67 -6.77 -6.51
CA GLY A 118 -10.39 -7.15 -7.71
C GLY A 118 -11.85 -7.48 -7.40
N ARG A 119 -12.11 -8.23 -6.35
CA ARG A 119 -13.49 -8.46 -5.91
C ARG A 119 -14.18 -7.19 -5.42
N VAL A 120 -13.48 -6.35 -4.67
CA VAL A 120 -14.03 -5.07 -4.21
C VAL A 120 -14.49 -4.27 -5.42
N THR A 121 -13.61 -4.17 -6.42
CA THR A 121 -13.90 -3.39 -7.62
C THR A 121 -15.09 -3.96 -8.39
N GLU A 122 -15.09 -5.29 -8.60
CA GLU A 122 -16.17 -5.95 -9.33
C GLU A 122 -17.52 -5.77 -8.64
N LEU A 123 -17.54 -6.02 -7.33
CA LEU A 123 -18.80 -5.99 -6.59
C LEU A 123 -19.32 -4.57 -6.41
N MET A 124 -18.44 -3.58 -6.26
CA MET A 124 -18.90 -2.22 -6.18
C MET A 124 -19.50 -1.77 -7.51
N TYR A 125 -18.84 -2.14 -8.61
CA TYR A 125 -19.36 -1.81 -9.94
C TYR A 125 -20.71 -2.47 -10.15
N ASN A 126 -20.80 -3.76 -9.86
CA ASN A 126 -22.03 -4.50 -10.13
C ASN A 126 -23.21 -4.01 -9.30
N ASN A 127 -22.95 -3.52 -8.08
CA ASN A 127 -23.98 -3.02 -7.19
C ASN A 127 -24.19 -1.53 -7.38
N GLY A 128 -24.73 -1.16 -8.56
CA GLY A 128 -25.14 0.22 -8.77
C GLY A 128 -24.09 1.11 -9.46
N GLY A 129 -23.04 0.51 -10.01
CA GLY A 129 -22.06 1.27 -10.78
C GLY A 129 -21.19 2.16 -9.92
N ARG A 130 -20.70 1.60 -8.80
CA ARG A 130 -19.93 2.38 -7.83
C ARG A 130 -18.45 2.00 -7.81
N HIS A 131 -17.65 2.91 -7.24
CA HIS A 131 -16.27 2.60 -6.88
C HIS A 131 -15.81 3.44 -5.69
N VAL A 132 -14.58 3.15 -5.26
CA VAL A 132 -13.91 3.97 -4.26
C VAL A 132 -12.46 4.05 -4.70
N PRO A 133 -11.73 5.16 -4.44
CA PRO A 133 -10.29 5.19 -4.75
C PRO A 133 -9.60 4.06 -3.99
N HIS A 134 -8.73 3.36 -4.68
CA HIS A 134 -7.88 2.32 -4.08
C HIS A 134 -6.73 2.03 -5.04
N GLY A 135 -5.84 1.12 -4.63
CA GLY A 135 -4.67 0.78 -5.43
C GLY A 135 -5.06 -0.03 -6.66
N THR A 136 -4.07 -0.26 -7.53
CA THR A 136 -4.35 -0.79 -8.84
C THR A 136 -4.22 -2.30 -8.86
N THR A 137 -3.58 -2.93 -7.88
CA THR A 137 -3.29 -4.37 -7.99
C THR A 137 -4.45 -5.17 -7.36
N PHE A 138 -5.05 -6.05 -8.16
CA PHE A 138 -6.27 -6.79 -7.78
C PHE A 138 -6.03 -7.81 -6.67
N THR A 139 -4.77 -8.23 -6.41
CA THR A 139 -4.52 -9.25 -5.39
C THR A 139 -4.24 -8.62 -4.01
N VAL A 140 -4.24 -7.29 -3.90
CA VAL A 140 -4.08 -6.64 -2.62
C VAL A 140 -5.35 -6.85 -1.80
N GLY A 141 -5.18 -7.10 -0.49
CA GLY A 141 -6.33 -7.35 0.38
C GLY A 141 -6.83 -6.04 1.00
N LEU A 142 -8.15 -5.98 1.19
CA LEU A 142 -8.74 -4.75 1.71
C LEU A 142 -8.26 -4.51 3.14
N GLY A 143 -8.14 -5.59 3.91
CA GLY A 143 -7.79 -5.49 5.32
C GLY A 143 -6.51 -4.67 5.54
N GLY A 144 -5.46 -4.99 4.78
CA GLY A 144 -4.20 -4.29 4.98
C GLY A 144 -4.13 -2.98 4.19
N HIS A 145 -5.03 -2.79 3.24
CA HIS A 145 -4.96 -1.68 2.31
C HIS A 145 -5.72 -0.47 2.84
N ALA A 146 -6.97 -0.69 3.22
CA ALA A 146 -7.77 0.37 3.81
C ALA A 146 -7.17 0.86 5.13
N THR A 147 -6.27 0.07 5.76
CA THR A 147 -5.73 0.43 7.05
C THR A 147 -4.35 1.08 6.96
N VAL A 148 -3.81 1.26 5.74
CA VAL A 148 -2.56 1.99 5.56
C VAL A 148 -2.77 3.28 4.79
N GLY A 149 -3.76 3.32 3.88
CA GLY A 149 -3.96 4.50 3.08
C GLY A 149 -4.82 4.17 1.88
N GLY A 150 -4.17 3.64 0.83
CA GLY A 150 -4.87 3.12 -0.32
C GLY A 150 -4.96 4.23 -1.38
N ALA A 151 -3.86 4.38 -2.15
CA ALA A 151 -3.76 5.39 -3.19
C ALA A 151 -3.75 4.71 -4.54
N GLY A 152 -4.52 5.26 -5.48
CA GLY A 152 -4.54 4.72 -6.83
C GLY A 152 -4.98 5.77 -7.85
N ALA A 153 -5.55 5.27 -8.94
CA ALA A 153 -5.84 6.06 -10.13
C ALA A 153 -6.79 7.20 -9.78
N ALA A 154 -7.75 6.96 -8.88
CA ALA A 154 -8.76 7.95 -8.54
C ALA A 154 -8.42 8.79 -7.31
N SER A 155 -7.19 8.71 -6.79
CA SER A 155 -6.86 9.39 -5.55
C SER A 155 -6.73 10.90 -5.69
N ARG A 156 -6.08 11.42 -6.75
CA ARG A 156 -6.10 12.86 -6.94
C ARG A 156 -7.53 13.40 -7.05
N MET A 157 -8.44 12.57 -7.60
CA MET A 157 -9.81 12.99 -7.80
C MET A 157 -10.59 12.93 -6.48
N HIS A 158 -10.36 11.87 -5.66
CA HIS A 158 -11.27 11.57 -4.55
C HIS A 158 -10.57 11.37 -3.20
N GLY A 159 -9.26 11.12 -3.16
CA GLY A 159 -8.55 10.90 -1.90
C GLY A 159 -8.13 9.44 -1.71
N LEU A 160 -7.77 9.10 -0.47
CA LEU A 160 -7.37 7.75 -0.16
C LEU A 160 -8.59 6.87 0.11
N LEU A 161 -8.40 5.55 -0.02
CA LEU A 161 -9.43 4.61 0.34
C LEU A 161 -9.89 4.89 1.78
N LEU A 162 -8.93 5.15 2.66
CA LEU A 162 -9.34 5.31 4.04
C LEU A 162 -10.17 6.58 4.31
N ASP A 163 -10.16 7.55 3.38
CA ASP A 163 -11.03 8.71 3.43
C ASP A 163 -12.50 8.34 3.20
N TYR A 164 -12.75 7.13 2.71
CA TYR A 164 -14.12 6.65 2.48
C TYR A 164 -14.56 5.64 3.53
N VAL A 165 -13.66 5.26 4.44
CA VAL A 165 -14.01 4.32 5.49
C VAL A 165 -14.81 5.12 6.52
N GLU A 166 -16.08 4.73 6.74
CA GLU A 166 -16.97 5.45 7.65
C GLU A 166 -17.07 4.78 9.02
N GLU A 167 -16.91 3.46 9.07
CA GLU A 167 -16.96 2.74 10.33
C GLU A 167 -16.21 1.41 10.16
N VAL A 168 -15.68 0.92 11.28
CA VAL A 168 -15.08 -0.41 11.33
C VAL A 168 -15.55 -1.15 12.56
N GLU A 169 -15.47 -2.47 12.48
CA GLU A 169 -15.51 -3.36 13.62
C GLU A 169 -14.08 -3.85 13.85
N VAL A 170 -13.68 -3.90 15.12
CA VAL A 170 -12.29 -4.17 15.47
C VAL A 170 -12.27 -5.16 16.62
N VAL A 171 -11.45 -6.18 16.47
CA VAL A 171 -11.12 -7.08 17.58
C VAL A 171 -9.87 -6.54 18.27
N LEU A 172 -10.01 -6.32 19.58
CA LEU A 172 -8.92 -5.78 20.39
C LEU A 172 -8.12 -6.91 21.03
N ALA A 173 -6.97 -6.52 21.61
CA ALA A 173 -6.04 -7.47 22.18
C ALA A 173 -6.63 -8.29 23.33
N ASN A 174 -7.67 -7.78 24.02
CA ASN A 174 -8.31 -8.50 25.10
C ASN A 174 -9.56 -9.25 24.63
N SER A 175 -9.66 -9.39 23.31
CA SER A 175 -10.78 -10.10 22.68
C SER A 175 -12.15 -9.42 22.87
N SER A 176 -12.17 -8.13 23.22
CA SER A 176 -13.35 -7.29 23.11
C SER A 176 -13.51 -6.94 21.64
N ILE A 177 -14.77 -6.80 21.24
CA ILE A 177 -15.17 -6.44 19.89
C ILE A 177 -15.81 -5.07 19.99
N VAL A 178 -15.29 -4.09 19.25
CA VAL A 178 -15.78 -2.73 19.30
C VAL A 178 -16.04 -2.24 17.88
N ARG A 179 -16.71 -1.09 17.82
CA ARG A 179 -16.84 -0.32 16.59
C ARG A 179 -16.13 1.01 16.73
N ALA A 180 -15.75 1.56 15.60
CA ALA A 180 -15.11 2.86 15.61
C ALA A 180 -15.52 3.65 14.38
N SER A 181 -15.64 4.98 14.55
CA SER A 181 -16.07 5.90 13.52
C SER A 181 -15.65 7.28 13.98
N LYS A 182 -15.97 8.33 13.22
CA LYS A 182 -15.54 9.68 13.61
C LYS A 182 -16.29 10.13 14.87
N SER A 183 -17.40 9.49 15.21
CA SER A 183 -18.26 9.88 16.31
C SER A 183 -18.17 8.94 17.50
N HIS A 184 -17.39 7.85 17.41
CA HIS A 184 -17.43 6.82 18.42
C HIS A 184 -16.08 6.10 18.43
N ASN A 185 -15.44 6.03 19.61
CA ASN A 185 -14.07 5.51 19.66
C ASN A 185 -13.22 6.19 18.58
N GLU A 186 -13.26 7.54 18.57
CA GLU A 186 -12.56 8.35 17.59
C GLU A 186 -11.05 8.09 17.61
N ASP A 187 -10.47 7.84 18.79
CA ASP A 187 -9.04 7.58 18.87
C ASP A 187 -8.66 6.28 18.15
N LEU A 188 -9.43 5.23 18.41
CA LEU A 188 -9.20 3.96 17.72
C LEU A 188 -9.39 4.16 16.22
N PHE A 189 -10.40 4.97 15.85
CA PHE A 189 -10.69 5.17 14.44
C PHE A 189 -9.52 5.85 13.75
N PHE A 190 -8.88 6.78 14.45
CA PHE A 190 -7.71 7.48 13.94
C PHE A 190 -6.59 6.48 13.69
N ALA A 191 -6.39 5.58 14.64
CA ALA A 191 -5.29 4.63 14.54
C ALA A 191 -5.55 3.56 13.48
N VAL A 192 -6.80 3.14 13.36
CA VAL A 192 -7.17 2.15 12.35
C VAL A 192 -6.97 2.72 10.94
N ARG A 193 -7.22 4.01 10.73
CA ARG A 193 -7.06 4.62 9.42
C ARG A 193 -5.61 5.06 9.24
N GLY A 194 -4.74 4.06 9.12
CA GLY A 194 -3.36 4.27 8.75
C GLY A 194 -2.39 3.42 9.55
N ALA A 195 -2.86 2.86 10.70
CA ALA A 195 -1.99 2.12 11.62
C ALA A 195 -2.69 0.94 12.29
N ALA A 196 -3.67 0.32 11.62
CA ALA A 196 -4.51 -0.68 12.25
C ALA A 196 -3.66 -1.85 12.75
N SER A 197 -2.66 -2.25 11.94
CA SER A 197 -1.84 -3.42 12.22
C SER A 197 -1.16 -3.39 13.61
N SER A 198 -1.01 -2.20 14.20
CA SER A 198 -0.44 -2.03 15.54
C SER A 198 -1.50 -2.07 16.63
N VAL A 199 -2.81 -2.00 16.32
CA VAL A 199 -3.79 -1.79 17.39
C VAL A 199 -4.94 -2.79 17.44
N GLY A 200 -5.25 -3.52 16.37
CA GLY A 200 -6.34 -4.47 16.45
C GLY A 200 -6.57 -5.13 15.11
N ILE A 201 -7.53 -6.05 15.07
CA ILE A 201 -7.86 -6.70 13.81
C ILE A 201 -9.21 -6.16 13.32
N VAL A 202 -9.19 -5.55 12.15
CA VAL A 202 -10.40 -5.04 11.53
C VAL A 202 -11.16 -6.22 10.91
N THR A 203 -12.41 -6.43 11.31
CA THR A 203 -13.19 -7.58 10.87
C THR A 203 -14.36 -7.20 9.94
N ASP A 204 -14.61 -5.90 9.83
CA ASP A 204 -15.65 -5.41 8.95
C ASP A 204 -15.39 -3.93 8.69
N PHE A 205 -15.70 -3.51 7.46
CA PHE A 205 -15.59 -2.11 7.06
C PHE A 205 -16.92 -1.64 6.45
N SER A 206 -17.32 -0.41 6.78
CA SER A 206 -18.32 0.34 6.03
C SER A 206 -17.63 1.39 5.22
N ILE A 207 -17.79 1.33 3.88
CA ILE A 207 -17.05 2.16 2.97
C ILE A 207 -18.02 2.87 2.04
N ARG A 208 -17.98 4.21 2.11
CA ARG A 208 -18.74 5.03 1.18
C ARG A 208 -18.21 4.87 -0.23
N THR A 209 -19.05 5.17 -1.25
CA THR A 209 -18.64 5.02 -2.62
C THR A 209 -19.05 6.24 -3.46
N GLU A 210 -18.42 6.32 -4.62
CA GLU A 210 -18.73 7.31 -5.63
C GLU A 210 -19.31 6.56 -6.82
N PRO A 211 -20.10 7.27 -7.67
CA PRO A 211 -20.44 6.74 -8.98
C PRO A 211 -19.16 6.64 -9.78
N VAL A 212 -19.03 5.60 -10.61
CA VAL A 212 -17.90 5.50 -11.50
C VAL A 212 -17.83 6.70 -12.44
N PRO A 213 -16.62 7.04 -12.94
CA PRO A 213 -16.50 8.06 -13.98
C PRO A 213 -17.17 7.59 -15.29
N VAL A 214 -17.75 8.55 -16.02
CA VAL A 214 -18.34 8.23 -17.31
C VAL A 214 -17.28 7.72 -18.29
N SER A 215 -16.10 8.33 -18.22
CA SER A 215 -15.01 8.04 -19.13
C SER A 215 -13.70 8.00 -18.35
N SER A 216 -12.92 6.95 -18.60
CA SER A 216 -11.58 6.76 -18.05
C SER A 216 -10.59 6.53 -19.18
N VAL A 217 -9.62 7.43 -19.28
CA VAL A 217 -8.62 7.39 -20.34
C VAL A 217 -7.27 7.05 -19.74
N THR A 218 -6.70 5.90 -20.14
CA THR A 218 -5.35 5.56 -19.73
C THR A 218 -4.36 6.17 -20.73
N TYR A 219 -3.28 6.74 -20.20
CA TYR A 219 -2.21 7.18 -21.10
C TYR A 219 -0.85 6.63 -20.66
N SER A 220 0.05 6.55 -21.65
CA SER A 220 1.40 6.11 -21.42
C SER A 220 2.28 6.69 -22.51
N TYR A 221 3.30 7.45 -22.11
CA TYR A 221 4.29 8.02 -23.01
C TYR A 221 5.66 7.44 -22.63
N ILE A 222 6.37 6.85 -23.59
CA ILE A 222 7.58 6.12 -23.29
C ILE A 222 8.77 6.78 -23.97
N TRP A 223 9.84 7.03 -23.21
CA TRP A 223 11.13 7.42 -23.75
C TRP A 223 12.08 6.25 -23.58
N GLU A 224 12.65 5.76 -24.68
CA GLU A 224 13.53 4.61 -24.66
C GLU A 224 14.97 5.12 -24.58
N GLY A 225 15.80 4.41 -23.81
CA GLY A 225 17.22 4.67 -23.84
C GLY A 225 17.85 4.63 -22.46
N THR A 226 19.19 4.72 -22.43
CA THR A 226 19.93 4.59 -21.19
C THR A 226 20.68 5.87 -20.84
N ASP A 227 20.42 6.97 -21.54
CA ASP A 227 21.24 8.15 -21.30
C ASP A 227 20.78 8.81 -20.00
N PRO A 228 21.63 8.87 -18.95
CA PRO A 228 21.19 9.48 -17.69
C PRO A 228 20.79 10.94 -17.79
N ALA A 229 21.44 11.74 -18.64
CA ALA A 229 21.06 13.15 -18.73
C ALA A 229 19.67 13.30 -19.33
N ALA A 230 19.35 12.49 -20.34
CA ALA A 230 18.06 12.53 -21.00
C ALA A 230 16.96 12.10 -20.02
N ARG A 231 17.25 11.04 -19.26
CA ARG A 231 16.30 10.55 -18.25
C ARG A 231 16.08 11.57 -17.13
N ALA A 232 17.14 12.23 -16.66
CA ALA A 232 17.00 13.24 -15.63
C ALA A 232 16.14 14.40 -16.14
N GLU A 233 16.28 14.73 -17.42
CA GLU A 233 15.51 15.83 -18.02
C GLU A 233 14.03 15.50 -18.01
N VAL A 234 13.68 14.24 -18.32
CA VAL A 234 12.29 13.80 -18.26
C VAL A 234 11.77 13.91 -16.82
N PHE A 235 12.53 13.39 -15.86
CA PHE A 235 12.14 13.48 -14.47
C PHE A 235 11.91 14.94 -14.05
N LEU A 236 12.90 15.82 -14.35
CA LEU A 236 12.82 17.20 -13.88
C LEU A 236 11.59 17.91 -14.45
N THR A 237 11.29 17.63 -15.71
CA THR A 237 10.09 18.18 -16.34
C THR A 237 8.86 17.63 -15.63
N TRP A 238 8.86 16.31 -15.39
CA TRP A 238 7.72 15.67 -14.74
C TRP A 238 7.45 16.33 -13.39
N GLN A 239 8.51 16.56 -12.63
CA GLN A 239 8.44 17.15 -11.30
C GLN A 239 7.98 18.61 -11.37
N SER A 240 8.48 19.39 -12.33
CA SER A 240 8.13 20.80 -12.33
CA SER A 240 8.16 20.81 -12.43
C SER A 240 6.70 21.01 -12.82
N LEU A 241 6.24 20.18 -13.76
CA LEU A 241 4.87 20.28 -14.23
C LEU A 241 3.92 19.93 -13.08
N LEU A 242 4.28 18.97 -12.22
CA LEU A 242 3.45 18.66 -11.07
C LEU A 242 3.43 19.83 -10.08
N ALA A 243 4.61 20.40 -9.82
CA ALA A 243 4.77 21.43 -8.82
C ALA A 243 4.10 22.73 -9.26
N GLY A 244 3.96 22.95 -10.55
CA GLY A 244 3.47 24.22 -11.09
C GLY A 244 1.98 24.42 -10.84
N GLY A 245 1.25 23.30 -10.63
CA GLY A 245 -0.18 23.29 -10.36
C GLY A 245 -1.08 23.41 -11.59
N SER A 246 -0.53 23.32 -12.82
CA SER A 246 -1.37 23.40 -14.00
C SER A 246 -2.06 22.08 -14.34
N LEU A 247 -1.61 20.96 -13.76
CA LEU A 247 -2.20 19.69 -14.13
C LEU A 247 -3.65 19.67 -13.65
N PRO A 248 -4.56 19.01 -14.37
CA PRO A 248 -5.92 18.82 -13.88
C PRO A 248 -5.89 18.09 -12.54
N GLN A 249 -6.67 18.58 -11.58
CA GLN A 249 -6.71 18.00 -10.24
C GLN A 249 -7.10 16.53 -10.26
N HIS A 250 -7.95 16.13 -11.20
CA HIS A 250 -8.52 14.80 -11.16
C HIS A 250 -7.64 13.71 -11.80
N MET A 251 -6.53 14.11 -12.45
CA MET A 251 -5.80 13.23 -13.33
C MET A 251 -4.71 12.49 -12.53
N ALA A 252 -4.61 11.16 -12.69
CA ALA A 252 -3.52 10.40 -12.12
C ALA A 252 -2.26 10.64 -12.97
N TYR A 253 -1.09 10.70 -12.33
CA TYR A 253 0.12 11.15 -13.01
C TYR A 253 1.34 10.52 -12.34
N ASP A 254 2.02 9.66 -13.07
CA ASP A 254 3.12 8.88 -12.53
C ASP A 254 4.25 8.81 -13.57
N LEU A 255 5.46 8.55 -13.08
CA LEU A 255 6.64 8.39 -13.94
C LEU A 255 7.36 7.14 -13.45
N VAL A 256 7.69 6.20 -14.33
CA VAL A 256 8.39 5.01 -13.92
C VAL A 256 9.73 4.96 -14.67
N ALA A 257 10.84 4.86 -13.94
CA ALA A 257 12.13 4.64 -14.55
C ALA A 257 12.46 3.16 -14.46
N THR A 258 12.86 2.58 -15.59
CA THR A 258 13.43 1.24 -15.63
C THR A 258 14.81 1.33 -16.28
N ALA A 259 15.42 0.18 -16.54
CA ALA A 259 16.80 0.23 -16.99
C ALA A 259 16.89 0.87 -18.37
N ASN A 260 15.84 0.73 -19.17
CA ASN A 260 15.88 1.12 -20.56
C ASN A 260 14.74 2.04 -20.96
N SER A 261 13.91 2.53 -20.00
CA SER A 261 12.83 3.41 -20.39
C SER A 261 12.45 4.32 -19.23
N MET A 262 11.79 5.41 -19.61
CA MET A 262 11.02 6.26 -18.74
C MET A 262 9.59 6.23 -19.25
N ILE A 263 8.60 5.97 -18.36
CA ILE A 263 7.21 5.87 -18.76
C ILE A 263 6.37 6.84 -17.94
N LEU A 264 5.85 7.87 -18.61
CA LEU A 264 4.88 8.80 -18.04
C LEU A 264 3.50 8.21 -18.25
N GLY A 265 2.77 7.94 -17.17
CA GLY A 265 1.50 7.24 -17.30
C GLY A 265 0.49 7.76 -16.30
N GLY A 266 -0.76 7.40 -16.49
CA GLY A 266 -1.81 7.87 -15.61
C GLY A 266 -3.19 7.59 -16.16
N ALA A 267 -4.15 8.34 -15.64
CA ALA A 267 -5.53 8.18 -16.02
C ALA A 267 -6.17 9.55 -16.00
N TYR A 268 -7.02 9.78 -17.00
CA TYR A 268 -7.72 11.05 -17.12
C TYR A 268 -9.21 10.73 -17.14
N PHE A 269 -9.96 11.43 -16.27
CA PHE A 269 -11.37 11.13 -16.11
C PHE A 269 -12.19 12.17 -16.88
N GLY A 270 -12.37 11.87 -18.15
CA GLY A 270 -12.91 12.80 -19.13
C GLY A 270 -12.76 12.18 -20.50
N SER A 271 -13.04 12.98 -21.55
CA SER A 271 -13.02 12.46 -22.90
C SER A 271 -11.56 12.36 -23.35
N GLN A 272 -11.31 11.40 -24.26
CA GLN A 272 -10.02 11.23 -24.91
C GLN A 272 -9.64 12.51 -25.65
N GLU A 273 -10.64 13.13 -26.29
CA GLU A 273 -10.47 14.37 -27.04
C GLU A 273 -9.93 15.45 -26.11
N ASP A 274 -10.55 15.60 -24.94
CA ASP A 274 -10.12 16.62 -24.00
C ASP A 274 -8.72 16.28 -23.45
N PHE A 275 -8.42 14.99 -23.30
CA PHE A 275 -7.10 14.60 -22.82
C PHE A 275 -6.04 15.00 -23.86
N GLU A 276 -6.29 14.56 -25.10
CA GLU A 276 -5.40 14.79 -26.23
C GLU A 276 -5.20 16.29 -26.41
N ALA A 277 -6.27 17.05 -26.20
CA ALA A 277 -6.22 18.49 -26.36
C ALA A 277 -5.25 19.10 -25.36
N PHE A 278 -5.17 18.53 -24.15
CA PHE A 278 -4.28 19.03 -23.11
C PHE A 278 -2.82 18.84 -23.52
N ASN A 279 -2.52 17.83 -24.34
CA ASN A 279 -1.21 17.67 -24.98
C ASN A 279 -0.09 17.61 -23.94
N LEU A 280 -0.21 16.64 -23.04
CA LEU A 280 0.67 16.52 -21.90
C LEU A 280 2.13 16.42 -22.33
N SER A 281 2.42 15.66 -23.41
CA SER A 281 3.80 15.35 -23.78
C SER A 281 4.51 16.54 -24.42
N SER A 282 3.75 17.56 -24.81
CA SER A 282 4.32 18.75 -25.42
C SER A 282 5.22 19.51 -24.43
N HIS A 283 5.02 19.31 -23.12
CA HIS A 283 5.83 20.02 -22.13
C HIS A 283 7.25 19.48 -22.07
N PHE A 284 7.50 18.32 -22.68
CA PHE A 284 8.82 17.72 -22.62
C PHE A 284 9.68 18.17 -23.80
N LYS A 285 10.94 18.48 -23.50
CA LYS A 285 11.94 18.90 -24.47
C LYS A 285 12.07 17.87 -25.58
N VAL A 286 12.17 16.60 -25.21
CA VAL A 286 12.29 15.52 -26.17
C VAL A 286 10.95 14.80 -26.24
N ALA A 287 10.44 14.57 -27.45
CA ALA A 287 9.18 13.88 -27.62
C ALA A 287 9.37 12.41 -27.25
N PRO A 288 8.35 11.80 -26.59
CA PRO A 288 8.40 10.38 -26.29
C PRO A 288 8.50 9.62 -27.60
N ASP A 289 9.04 8.42 -27.50
CA ASP A 289 9.18 7.51 -28.63
C ASP A 289 7.87 6.81 -28.93
N VAL A 290 7.05 6.58 -27.90
CA VAL A 290 5.81 5.81 -28.02
C VAL A 290 4.74 6.53 -27.21
N THR A 291 3.53 6.69 -27.77
CA THR A 291 2.37 7.14 -26.99
C THR A 291 1.27 6.09 -27.10
N HIS A 292 0.61 5.75 -25.99
CA HIS A 292 -0.52 4.83 -26.01
C HIS A 292 -1.63 5.47 -25.19
N ILE A 293 -2.79 5.69 -25.83
CA ILE A 293 -3.94 6.32 -25.17
C ILE A 293 -5.16 5.44 -25.44
N LYS A 294 -5.90 5.09 -24.38
CA LYS A 294 -7.05 4.21 -24.56
C LYS A 294 -8.19 4.68 -23.67
N THR A 295 -9.39 4.75 -24.24
CA THR A 295 -10.59 5.15 -23.51
C THR A 295 -11.36 3.91 -23.08
N TYR A 296 -11.81 3.90 -21.83
CA TYR A 296 -12.67 2.86 -21.30
C TYR A 296 -14.02 3.45 -20.93
N THR A 297 -15.08 2.94 -21.57
CA THR A 297 -16.44 3.30 -21.20
C THR A 297 -16.88 2.46 -20.00
N ASN A 298 -16.18 1.35 -19.71
CA ASN A 298 -16.52 0.50 -18.58
C ASN A 298 -15.40 0.56 -17.53
N PHE A 299 -15.74 1.02 -16.30
CA PHE A 299 -14.72 1.29 -15.30
C PHE A 299 -14.10 0.02 -14.74
N PHE A 300 -14.85 -1.09 -14.70
CA PHE A 300 -14.34 -2.37 -14.27
C PHE A 300 -13.24 -2.78 -15.27
N ASP A 301 -13.51 -2.64 -16.58
CA ASP A 301 -12.50 -2.95 -17.59
C ASP A 301 -11.25 -2.09 -17.38
N PHE A 302 -11.42 -0.79 -17.17
CA PHE A 302 -10.29 0.11 -16.93
C PHE A 302 -9.44 -0.43 -15.78
N SER A 303 -10.13 -0.82 -14.70
CA SER A 303 -9.46 -1.26 -13.48
C SER A 303 -8.75 -2.60 -13.70
N ALA A 304 -9.43 -3.53 -14.35
CA ALA A 304 -8.82 -4.81 -14.68
C ALA A 304 -7.57 -4.61 -15.53
N ALA A 305 -7.65 -3.69 -16.51
CA ALA A 305 -6.52 -3.47 -17.40
C ALA A 305 -5.36 -2.87 -16.60
N ALA A 306 -5.64 -1.97 -15.67
CA ALA A 306 -4.60 -1.37 -14.85
C ALA A 306 -3.89 -2.43 -14.00
N SER A 307 -4.67 -3.34 -13.40
CA SER A 307 -4.12 -4.45 -12.64
C SER A 307 -3.28 -5.37 -13.51
N ALA A 308 -3.79 -5.74 -14.70
CA ALA A 308 -3.07 -6.59 -15.63
C ALA A 308 -1.74 -5.96 -16.07
N GLN A 309 -1.71 -4.64 -16.27
CA GLN A 309 -0.50 -3.97 -16.69
C GLN A 309 0.62 -4.08 -15.64
N THR A 310 0.30 -3.89 -14.36
CA THR A 310 1.35 -3.93 -13.34
C THR A 310 1.81 -5.37 -13.15
N LYS A 311 0.91 -6.35 -13.33
CA LYS A 311 1.32 -7.74 -13.23
C LYS A 311 2.26 -8.09 -14.39
N ALA A 312 1.89 -7.65 -15.59
CA ALA A 312 2.73 -7.87 -16.76
C ALA A 312 4.09 -7.19 -16.64
N ALA A 313 4.18 -6.06 -15.94
CA ALA A 313 5.44 -5.36 -15.76
C ALA A 313 6.44 -6.17 -14.92
N GLY A 314 5.96 -7.16 -14.17
CA GLY A 314 6.89 -7.98 -13.41
C GLY A 314 7.15 -7.51 -11.99
N ILE A 315 6.44 -6.48 -11.50
CA ILE A 315 6.72 -5.88 -10.20
C ILE A 315 5.60 -6.15 -9.18
N ALA A 316 4.67 -7.04 -9.50
CA ALA A 316 3.46 -7.14 -8.71
C ALA A 316 3.13 -8.58 -8.37
N SER A 317 4.15 -9.44 -8.30
CA SER A 317 3.94 -10.86 -8.01
C SER A 317 4.81 -11.27 -6.82
N PRO A 318 4.42 -12.31 -6.07
CA PRO A 318 5.31 -12.87 -5.04
C PRO A 318 6.63 -13.17 -5.74
N SER A 319 7.76 -12.79 -5.12
CA SER A 319 9.07 -12.85 -5.77
C SER A 319 10.19 -12.59 -4.78
N HIS A 320 11.43 -12.74 -5.25
CA HIS A 320 12.61 -12.30 -4.55
C HIS A 320 12.83 -10.83 -4.92
N PHE A 321 12.91 -9.97 -3.90
CA PHE A 321 13.09 -8.57 -4.15
C PHE A 321 13.47 -7.80 -2.89
N TYR A 322 13.84 -6.56 -3.12
CA TYR A 322 13.90 -5.56 -2.06
C TYR A 322 13.16 -4.33 -2.61
N ALA A 323 12.72 -3.44 -1.72
CA ALA A 323 11.93 -2.29 -2.11
C ALA A 323 12.00 -1.24 -0.99
N LYS A 324 12.01 0.05 -1.40
CA LYS A 324 12.07 1.18 -0.47
C LYS A 324 11.07 2.24 -0.91
N SER A 325 10.75 3.18 -0.02
CA SER A 325 9.86 4.29 -0.37
C SER A 325 10.37 5.57 0.24
N LEU A 326 9.91 6.67 -0.36
CA LEU A 326 10.17 8.02 0.13
C LEU A 326 8.97 8.89 -0.20
N VAL A 327 8.75 9.93 0.62
CA VAL A 327 7.76 10.96 0.33
C VAL A 327 8.51 12.26 0.04
N PHE A 328 8.08 12.98 -1.02
CA PHE A 328 8.62 14.28 -1.37
C PHE A 328 7.47 15.27 -1.30
N ASN A 329 7.79 16.51 -0.91
CA ASN A 329 6.81 17.59 -0.88
C ASN A 329 7.41 18.86 -1.47
N GLN A 330 6.63 19.95 -1.49
CA GLN A 330 7.07 21.16 -2.15
C GLN A 330 8.37 21.68 -1.54
N GLN A 331 8.63 21.38 -0.26
CA GLN A 331 9.84 21.84 0.41
C GLN A 331 11.05 20.95 0.18
N THR A 332 10.85 19.72 -0.34
CA THR A 332 11.93 18.76 -0.53
C THR A 332 12.02 18.26 -1.97
N LEU A 333 11.50 19.01 -2.94
CA LEU A 333 11.60 18.68 -4.35
C LEU A 333 13.07 18.50 -4.71
N ILE A 334 13.30 17.53 -5.57
CA ILE A 334 14.65 17.11 -5.89
C ILE A 334 15.31 18.16 -6.78
N PRO A 335 16.45 18.75 -6.36
CA PRO A 335 17.14 19.75 -7.18
C PRO A 335 17.68 19.16 -8.47
N ASP A 336 17.92 20.04 -9.43
CA ASP A 336 18.46 19.65 -10.73
C ASP A 336 19.69 18.75 -10.62
N ASP A 337 20.69 19.19 -9.88
CA ASP A 337 21.93 18.44 -9.79
C ASP A 337 21.72 17.06 -9.14
N ALA A 338 20.92 17.00 -8.08
CA ALA A 338 20.67 15.71 -7.46
C ALA A 338 19.97 14.78 -8.44
N ALA A 339 19.00 15.30 -9.21
CA ALA A 339 18.33 14.46 -10.21
C ALA A 339 19.33 13.92 -11.21
N GLU A 340 20.29 14.74 -11.63
CA GLU A 340 21.31 14.25 -12.54
C GLU A 340 22.09 13.10 -11.89
N GLU A 341 22.43 13.24 -10.62
CA GLU A 341 23.17 12.22 -9.87
C GLU A 341 22.32 10.96 -9.69
N VAL A 342 21.00 11.11 -9.49
CA VAL A 342 20.11 9.96 -9.39
C VAL A 342 20.24 9.07 -10.61
N PHE A 343 20.12 9.68 -11.79
CA PHE A 343 20.09 8.89 -13.02
C PHE A 343 21.48 8.38 -13.38
N LYS A 344 22.54 9.12 -13.03
CA LYS A 344 23.90 8.59 -13.14
C LYS A 344 24.07 7.35 -12.27
N TYR A 345 23.53 7.42 -11.05
CA TYR A 345 23.64 6.32 -10.11
C TYR A 345 22.93 5.08 -10.68
N LEU A 346 21.72 5.26 -11.23
CA LEU A 346 20.97 4.16 -11.80
C LEU A 346 21.72 3.57 -13.00
N ALA A 347 22.40 4.45 -13.74
CA ALA A 347 23.09 4.05 -14.96
C ALA A 347 24.27 3.13 -14.66
N THR A 348 25.04 3.40 -13.60
CA THR A 348 26.35 2.75 -13.44
C THR A 348 26.42 1.80 -12.24
N THR A 349 25.56 1.93 -11.22
CA THR A 349 25.72 1.12 -10.02
C THR A 349 25.43 -0.36 -10.33
N LYS A 350 26.28 -1.26 -9.81
CA LYS A 350 26.00 -2.69 -9.89
C LYS A 350 24.75 -3.00 -9.05
N ASN A 351 23.70 -3.51 -9.68
CA ASN A 351 22.41 -3.56 -9.02
C ASN A 351 21.97 -4.97 -8.62
N GLY A 352 22.45 -6.01 -9.29
CA GLY A 352 22.11 -7.37 -8.91
C GLY A 352 20.71 -7.82 -9.33
N THR A 353 19.98 -6.95 -10.04
CA THR A 353 18.58 -7.19 -10.32
C THR A 353 18.41 -7.90 -11.66
N ASP A 354 17.26 -8.56 -11.82
CA ASP A 354 16.78 -8.97 -13.13
C ASP A 354 15.74 -7.99 -13.67
N LEU A 355 15.20 -7.13 -12.79
CA LEU A 355 14.30 -6.05 -13.15
C LEU A 355 14.35 -5.02 -12.02
N TYR A 356 14.33 -3.72 -12.36
CA TYR A 356 14.02 -2.73 -11.34
C TYR A 356 13.03 -1.72 -11.92
N ALA A 357 12.33 -1.03 -11.01
CA ALA A 357 11.44 0.07 -11.32
C ALA A 357 11.55 1.10 -10.21
N VAL A 358 11.65 2.37 -10.62
CA VAL A 358 11.61 3.52 -9.73
C VAL A 358 10.36 4.31 -10.13
N THR A 359 9.35 4.29 -9.27
CA THR A 359 8.04 4.87 -9.59
C THR A 359 7.88 6.15 -8.79
N PHE A 360 7.57 7.23 -9.51
CA PHE A 360 7.15 8.48 -8.89
C PHE A 360 5.65 8.60 -9.11
N ALA A 361 4.87 8.68 -8.01
CA ALA A 361 3.42 8.68 -8.12
C ALA A 361 2.88 9.93 -7.45
N ALA A 362 2.27 10.77 -8.27
CA ALA A 362 1.75 12.05 -7.77
C ALA A 362 0.61 11.84 -6.78
N LEU A 363 0.69 12.60 -5.71
CA LEU A 363 -0.45 12.65 -4.79
C LEU A 363 -0.91 14.10 -4.92
N GLY A 364 -1.50 14.63 -3.87
CA GLY A 364 -2.03 15.98 -3.95
C GLY A 364 -3.49 15.81 -4.33
N GLY A 365 -4.04 16.83 -4.95
CA GLY A 365 -5.47 16.79 -5.23
C GLY A 365 -6.28 16.59 -3.95
N ALA A 366 -7.25 15.69 -4.01
CA ALA A 366 -8.17 15.45 -2.91
C ALA A 366 -7.48 14.76 -1.73
N VAL A 367 -6.31 14.17 -1.95
CA VAL A 367 -5.59 13.59 -0.82
C VAL A 367 -5.33 14.66 0.24
N ARG A 368 -5.10 15.90 -0.20
CA ARG A 368 -4.70 16.94 0.74
C ARG A 368 -5.93 17.56 1.39
N ASP A 369 -7.15 17.07 1.10
CA ASP A 369 -8.36 17.69 1.64
C ASP A 369 -8.53 17.32 3.10
N VAL A 370 -7.79 16.30 3.55
CA VAL A 370 -7.78 15.86 4.93
C VAL A 370 -6.43 16.21 5.53
N SER A 371 -6.44 16.69 6.77
CA SER A 371 -5.23 17.15 7.43
C SER A 371 -4.39 15.97 7.91
N ALA A 372 -3.09 16.19 8.03
CA ALA A 372 -2.18 15.19 8.57
C ALA A 372 -2.62 14.63 9.91
N SER A 373 -3.29 15.41 10.76
CA SER A 373 -3.60 14.95 12.09
C SER A 373 -4.98 14.27 12.18
N GLU A 374 -5.75 14.20 11.09
CA GLU A 374 -7.12 13.68 11.15
C GLU A 374 -7.15 12.16 11.09
N THR A 375 -6.18 11.53 10.42
CA THR A 375 -6.06 10.09 10.34
C THR A 375 -4.60 9.75 10.59
N ALA A 376 -4.27 8.48 10.82
CA ALA A 376 -2.90 8.10 11.10
C ALA A 376 -1.99 8.33 9.88
N PHE A 377 -2.54 8.39 8.66
CA PHE A 377 -1.77 8.71 7.48
C PHE A 377 -1.25 10.14 7.59
N TYR A 378 0.07 10.28 7.70
CA TYR A 378 0.68 11.56 8.01
C TYR A 378 0.96 12.43 6.77
N HIS A 379 1.16 11.80 5.61
CA HIS A 379 1.83 12.42 4.48
C HIS A 379 0.89 13.22 3.58
N ARG A 380 -0.04 13.98 4.17
CA ARG A 380 -1.11 14.59 3.39
C ARG A 380 -0.59 15.73 2.49
N ASP A 381 0.51 16.40 2.86
CA ASP A 381 1.03 17.46 2.01
C ASP A 381 2.02 16.93 0.99
N ALA A 382 2.07 15.61 0.79
CA ALA A 382 3.03 15.06 -0.15
C ALA A 382 2.77 15.61 -1.53
N SER A 383 3.87 15.82 -2.27
CA SER A 383 3.78 16.02 -3.72
C SER A 383 3.65 14.67 -4.45
N TYR A 384 4.50 13.74 -4.05
CA TYR A 384 4.53 12.43 -4.70
C TYR A 384 5.23 11.42 -3.79
N PHE A 385 4.88 10.15 -4.00
CA PHE A 385 5.66 9.03 -3.50
C PHE A 385 6.74 8.65 -4.51
N MET A 386 7.85 8.12 -3.97
CA MET A 386 8.88 7.42 -4.73
C MET A 386 8.89 5.99 -4.19
N PHE A 387 8.58 5.03 -5.06
CA PHE A 387 8.75 3.63 -4.73
C PHE A 387 9.84 3.03 -5.60
N SER A 388 10.81 2.38 -4.94
CA SER A 388 11.85 1.66 -5.68
C SER A 388 11.65 0.17 -5.43
N PHE A 389 11.91 -0.62 -6.48
CA PHE A 389 11.66 -2.05 -6.46
C PHE A 389 12.77 -2.73 -7.26
N GLY A 390 13.48 -3.65 -6.60
CA GLY A 390 14.57 -4.35 -7.26
C GLY A 390 14.33 -5.84 -7.14
N ARG A 391 13.95 -6.47 -8.24
CA ARG A 391 13.66 -7.90 -8.23
C ARG A 391 14.92 -8.68 -8.59
N THR A 392 15.06 -9.90 -8.04
CA THR A 392 16.22 -10.74 -8.34
C THR A 392 15.77 -12.12 -8.83
N SER A 393 16.62 -12.80 -9.62
CA SER A 393 16.21 -14.09 -10.19
C SER A 393 16.25 -15.19 -9.15
N GLY A 394 17.26 -15.14 -8.29
CA GLY A 394 17.40 -16.01 -7.14
C GLY A 394 17.39 -15.21 -5.85
N ASP A 395 17.92 -15.79 -4.78
CA ASP A 395 17.87 -15.15 -3.48
C ASP A 395 18.48 -13.75 -3.58
N LEU A 396 17.83 -12.79 -2.89
CA LEU A 396 18.39 -11.46 -2.76
C LEU A 396 19.80 -11.49 -2.19
N THR A 397 20.65 -10.60 -2.72
CA THR A 397 21.99 -10.39 -2.24
C THR A 397 22.17 -8.95 -1.79
N ASP A 398 23.21 -8.74 -0.97
CA ASP A 398 23.55 -7.41 -0.52
C ASP A 398 23.74 -6.45 -1.68
N THR A 399 24.11 -6.93 -2.89
CA THR A 399 24.30 -6.03 -4.01
C THR A 399 23.03 -5.21 -4.22
N THR A 400 21.90 -5.90 -4.19
CA THR A 400 20.62 -5.24 -4.48
C THR A 400 20.21 -4.38 -3.29
N VAL A 401 20.50 -4.80 -2.05
CA VAL A 401 20.16 -3.99 -0.88
C VAL A 401 20.95 -2.68 -0.93
N GLN A 402 22.27 -2.78 -1.18
CA GLN A 402 23.07 -1.56 -1.29
C GLN A 402 22.58 -0.69 -2.45
N PHE A 403 22.20 -1.32 -3.55
CA PHE A 403 21.67 -0.60 -4.70
C PHE A 403 20.53 0.33 -4.29
N LEU A 404 19.48 -0.22 -3.66
CA LEU A 404 18.33 0.59 -3.28
C LEU A 404 18.66 1.56 -2.15
N ASP A 405 19.48 1.13 -1.19
CA ASP A 405 19.89 2.02 -0.11
C ASP A 405 20.59 3.25 -0.67
N GLY A 406 21.55 3.02 -1.56
CA GLY A 406 22.28 4.14 -2.14
C GLY A 406 21.38 5.02 -3.03
N LEU A 407 20.36 4.43 -3.61
CA LEU A 407 19.42 5.18 -4.43
C LEU A 407 18.64 6.17 -3.55
N SER A 408 18.17 5.70 -2.39
CA SER A 408 17.44 6.58 -1.49
C SER A 408 18.34 7.74 -1.03
N GLU A 409 19.61 7.47 -0.80
CA GLU A 409 20.56 8.49 -0.37
C GLU A 409 20.71 9.54 -1.45
N VAL A 410 20.92 9.13 -2.72
CA VAL A 410 21.12 10.12 -3.77
C VAL A 410 19.80 10.86 -4.03
N LEU A 411 18.64 10.19 -3.90
CA LEU A 411 17.36 10.86 -4.13
C LEU A 411 17.16 12.00 -3.13
N THR A 412 17.69 11.87 -1.90
CA THR A 412 17.50 12.86 -0.85
C THR A 412 18.71 13.78 -0.73
N SER A 413 19.67 13.63 -1.62
CA SER A 413 20.95 14.32 -1.49
C SER A 413 20.84 15.85 -1.65
N GLY A 414 19.77 16.34 -2.26
CA GLY A 414 19.58 17.78 -2.35
C GLY A 414 19.35 18.43 -0.99
N GLN A 415 18.83 17.66 -0.03
CA GLN A 415 18.53 18.14 1.32
C GLN A 415 18.60 16.95 2.27
N PRO A 416 19.81 16.47 2.57
CA PRO A 416 19.95 15.19 3.27
C PRO A 416 19.34 15.12 4.66
N ASP A 417 19.17 16.25 5.33
CA ASP A 417 18.73 16.24 6.73
C ASP A 417 17.27 16.66 6.87
N ALA A 418 16.55 16.87 5.75
CA ALA A 418 15.13 17.15 5.80
C ALA A 418 14.33 15.91 6.20
N TYR A 419 13.07 16.15 6.60
CA TYR A 419 12.17 15.05 6.89
C TYR A 419 11.72 14.42 5.57
N TYR A 420 11.83 13.09 5.50
CA TYR A 420 11.29 12.32 4.39
C TYR A 420 10.40 11.21 4.94
N GLY A 421 9.14 11.27 4.59
CA GLY A 421 8.22 10.20 4.91
C GLY A 421 8.51 8.93 4.13
N GLN A 422 7.86 7.87 4.61
CA GLN A 422 7.82 6.59 3.92
C GLN A 422 6.39 6.09 4.01
N TYR A 423 5.96 5.36 2.99
CA TYR A 423 4.63 4.78 2.98
C TYR A 423 4.63 3.43 3.69
N VAL A 424 3.85 3.33 4.78
CA VAL A 424 3.81 2.14 5.57
C VAL A 424 3.10 1.02 4.80
N GLY A 425 2.46 1.36 3.67
CA GLY A 425 1.90 0.36 2.78
C GLY A 425 2.97 -0.42 2.02
N ASN A 426 4.19 0.15 1.96
CA ASN A 426 5.33 -0.54 1.36
C ASN A 426 6.44 -0.61 2.40
N VAL A 427 6.34 -1.59 3.30
CA VAL A 427 7.27 -1.66 4.42
C VAL A 427 8.66 -1.96 3.89
N ASP A 428 9.63 -1.36 4.56
CA ASP A 428 11.04 -1.58 4.30
C ASP A 428 11.66 -2.18 5.56
N PRO A 429 11.80 -3.50 5.64
CA PRO A 429 12.35 -4.13 6.85
C PRO A 429 13.85 -3.98 7.03
N ARG A 430 14.55 -3.46 6.03
CA ARG A 430 16.04 -3.39 6.10
C ARG A 430 16.49 -1.99 6.51
N GLN A 431 15.98 -1.53 7.64
CA GLN A 431 16.36 -0.21 8.17
C GLN A 431 16.09 -0.22 9.69
N PRO A 432 16.62 0.74 10.45
CA PRO A 432 16.32 0.86 11.86
C PRO A 432 14.83 0.98 12.04
N THR A 433 14.36 0.43 13.15
CA THR A 433 12.92 0.55 13.46
C THR A 433 12.59 1.99 13.79
N ASP A 434 13.56 2.70 14.38
CA ASP A 434 13.36 4.13 14.71
C ASP A 434 13.13 4.93 13.42
N GLU A 435 13.95 4.68 12.43
CA GLU A 435 13.84 5.44 11.16
C GLU A 435 12.53 5.05 10.48
N ALA A 436 12.18 3.78 10.55
CA ALA A 436 10.93 3.31 9.92
C ALA A 436 9.73 4.01 10.56
N LEU A 437 9.68 4.00 11.89
CA LEU A 437 8.53 4.59 12.61
C LEU A 437 8.42 6.08 12.28
N THR A 438 9.54 6.80 12.33
CA THR A 438 9.57 8.20 11.98
C THR A 438 9.12 8.42 10.54
N GLY A 439 9.61 7.60 9.61
CA GLY A 439 9.19 7.73 8.23
C GLY A 439 7.71 7.40 8.05
N TYR A 440 7.28 6.27 8.60
CA TYR A 440 5.93 5.80 8.38
C TYR A 440 4.88 6.76 8.95
N TYR A 441 5.12 7.29 10.18
CA TYR A 441 4.06 7.98 10.89
C TYR A 441 4.36 9.45 11.17
N GLY A 442 5.62 9.87 11.02
CA GLY A 442 5.93 11.28 11.27
C GLY A 442 5.44 11.77 12.63
N LYS A 443 4.84 12.96 12.64
CA LYS A 443 4.46 13.57 13.92
C LYS A 443 3.16 12.99 14.43
N ASN A 444 2.57 11.99 13.74
CA ASN A 444 1.45 11.26 14.31
C ASN A 444 1.95 10.19 15.31
N LEU A 445 3.26 9.98 15.36
CA LEU A 445 3.81 8.86 16.12
C LEU A 445 3.39 8.96 17.59
N HIS A 446 3.49 10.15 18.19
CA HIS A 446 3.24 10.26 19.63
C HIS A 446 1.81 9.86 19.97
N ARG A 447 0.83 10.39 19.25
CA ARG A 447 -0.55 10.09 19.49
C ARG A 447 -0.80 8.60 19.28
N LEU A 448 -0.21 8.03 18.23
CA LEU A 448 -0.36 6.59 18.03
C LEU A 448 0.18 5.75 19.19
N GLN A 449 1.32 6.15 19.76
CA GLN A 449 1.84 5.44 20.92
C GLN A 449 0.89 5.56 22.12
N GLN A 450 0.29 6.73 22.31
CA GLN A 450 -0.71 6.92 23.36
C GLN A 450 -1.87 5.96 23.18
N ILE A 451 -2.39 5.88 21.95
CA ILE A 451 -3.50 4.99 21.64
C ILE A 451 -3.07 3.54 21.81
N LYS A 452 -1.88 3.21 21.31
CA LYS A 452 -1.33 1.88 21.51
C LYS A 452 -1.34 1.50 22.99
N SER A 453 -0.85 2.39 23.86
CA SER A 453 -0.83 2.10 25.30
C SER A 453 -2.23 1.88 25.85
N ALA A 454 -3.19 2.66 25.38
CA ALA A 454 -4.57 2.57 25.78
C ALA A 454 -5.20 1.24 25.38
N VAL A 455 -5.07 0.82 24.11
CA VAL A 455 -5.82 -0.34 23.63
C VAL A 455 -5.03 -1.65 23.56
N ASP A 456 -3.71 -1.57 23.59
CA ASP A 456 -2.88 -2.78 23.51
C ASP A 456 -1.61 -2.54 24.33
N PRO A 457 -1.71 -2.31 25.66
CA PRO A 457 -0.53 -2.05 26.49
C PRO A 457 0.49 -3.18 26.49
N ASN A 458 0.06 -4.43 26.31
CA ASN A 458 0.92 -5.60 26.36
C ASN A 458 1.49 -5.96 24.98
N ASP A 459 1.19 -5.16 23.96
CA ASP A 459 1.78 -5.29 22.62
C ASP A 459 1.52 -6.68 22.06
N VAL A 460 0.25 -7.07 22.07
CA VAL A 460 -0.19 -8.30 21.44
C VAL A 460 -0.03 -8.18 19.93
N PHE A 461 -0.43 -7.03 19.37
CA PHE A 461 -0.41 -6.83 17.93
C PHE A 461 0.94 -6.24 17.56
N HIS A 462 1.85 -7.11 17.16
CA HIS A 462 3.26 -6.77 17.01
C HIS A 462 3.80 -7.23 15.66
N ASN A 463 4.67 -6.39 15.08
CA ASN A 463 5.52 -6.82 13.99
C ASN A 463 6.85 -6.09 14.17
N GLN A 464 7.79 -6.34 13.26
CA GLN A 464 9.13 -5.79 13.35
C GLN A 464 9.09 -4.27 13.55
N GLN A 465 8.13 -3.60 12.93
CA GLN A 465 8.10 -2.15 12.89
C GLN A 465 6.77 -1.59 13.38
N SER A 466 6.12 -2.28 14.34
CA SER A 466 4.86 -1.83 14.90
C SER A 466 5.10 -0.72 15.91
N ILE A 467 4.02 -0.01 16.19
CA ILE A 467 4.05 1.15 17.08
C ILE A 467 4.20 0.62 18.48
N PRO A 468 5.27 1.03 19.18
CA PRO A 468 5.47 0.58 20.55
C PRO A 468 4.60 1.32 21.55
N PRO A 469 4.14 0.64 22.62
CA PRO A 469 3.48 1.35 23.71
C PRO A 469 4.46 2.40 24.25
N LEU A 470 3.94 3.45 24.86
CA LEU A 470 4.76 4.39 25.61
C LEU A 470 5.72 3.67 26.59
C1 NAG B . 20.73 -2.86 -13.58
C2 NAG B . 21.81 -3.83 -14.10
C3 NAG B . 21.34 -4.62 -15.32
C4 NAG B . 19.92 -5.11 -15.17
C5 NAG B . 19.02 -3.91 -14.89
C6 NAG B . 17.55 -4.23 -14.80
C7 NAG B . 24.09 -3.15 -13.54
C8 NAG B . 25.22 -2.23 -13.89
N2 NAG B . 23.05 -3.13 -14.37
O3 NAG B . 22.24 -5.71 -15.50
O4 NAG B . 19.53 -5.77 -16.37
O5 NAG B . 19.42 -3.39 -13.61
O6 NAG B . 17.33 -5.39 -14.01
O7 NAG B . 24.11 -3.87 -12.55
C1 NAG B . 18.98 -7.04 -16.37
C2 NAG B . 18.15 -7.24 -17.65
C3 NAG B . 17.54 -8.63 -17.64
C4 NAG B . 18.60 -9.69 -17.42
C5 NAG B . 19.44 -9.35 -16.20
C6 NAG B . 20.63 -10.27 -16.02
C7 NAG B . 17.23 -5.26 -18.77
C8 NAG B . 15.93 -4.74 -19.30
N2 NAG B . 17.14 -6.21 -17.84
O3 NAG B . 16.87 -8.78 -18.88
O4 NAG B . 18.01 -10.97 -17.18
O5 NAG B . 20.00 -8.02 -16.32
O6 NAG B . 21.61 -10.01 -17.01
O7 NAG B . 18.30 -4.83 -19.18
C1 MAN B . 17.06 -11.55 -18.00
C2 MAN B . 16.83 -12.93 -17.45
C3 MAN B . 16.84 -13.97 -18.54
C4 MAN B . 15.99 -13.47 -19.68
C5 MAN B . 16.71 -12.32 -20.34
C6 MAN B . 15.82 -11.44 -21.22
O2 MAN B . 15.58 -12.91 -16.77
O3 MAN B . 16.34 -15.21 -18.03
O4 MAN B . 15.82 -14.50 -20.65
O5 MAN B . 17.40 -11.45 -19.38
O6 MAN B . 14.69 -10.77 -20.63
C1 MAN B . 13.45 -11.42 -20.54
C2 MAN B . 12.64 -11.29 -21.81
C3 MAN B . 11.50 -12.28 -21.76
C4 MAN B . 11.26 -12.63 -20.31
C5 MAN B . 11.30 -11.32 -19.51
C6 MAN B . 10.81 -11.46 -18.09
O2 MAN B . 13.43 -11.45 -22.98
O3 MAN B . 11.83 -13.46 -22.50
O4 MAN B . 10.03 -13.31 -20.13
O5 MAN B . 12.67 -10.90 -19.46
O6 MAN B . 11.01 -10.26 -17.35
C1 NAG C . -10.55 -4.31 26.55
C2 NAG C . -11.46 -3.90 27.71
C3 NAG C . -12.22 -2.63 27.36
C4 NAG C . -11.29 -1.55 26.85
C5 NAG C . -10.49 -2.10 25.68
C6 NAG C . -9.48 -1.11 25.12
C7 NAG C . -12.31 -5.63 29.18
C8 NAG C . -13.40 -6.62 29.45
N2 NAG C . -12.40 -4.96 28.03
O3 NAG C . -12.93 -2.19 28.51
O4 NAG C . -12.07 -0.45 26.39
O5 NAG C . -9.74 -3.24 26.11
O6 NAG C . -8.62 -0.66 26.15
O7 NAG C . -11.39 -5.46 29.96
C1 NAG C . -11.82 0.82 26.89
C2 NAG C . -12.45 1.86 25.95
C3 NAG C . -12.35 3.26 26.52
C4 NAG C . -12.76 3.31 27.99
C5 NAG C . -11.99 2.26 28.78
C6 NAG C . -12.40 2.21 30.23
C7 NAG C . -12.34 1.27 23.56
C8 NAG C . -13.57 0.46 23.76
N2 NAG C . -11.82 1.84 24.65
O3 NAG C . -13.17 4.12 25.75
O4 NAG C . -12.45 4.60 28.52
O5 NAG C . -12.28 0.96 28.23
O6 NAG C . -13.65 1.58 30.38
O7 NAG C . -11.83 1.40 22.45
C1 NAG D . -13.12 -25.71 7.62
C2 NAG D . -14.38 -25.23 6.92
C3 NAG D . -14.06 -25.07 5.44
C4 NAG D . -12.89 -24.11 5.23
C5 NAG D . -11.71 -24.43 6.14
C6 NAG D . -10.75 -23.26 6.24
C7 NAG D . -16.59 -25.77 7.82
C8 NAG D . -16.77 -24.31 8.06
N2 NAG D . -15.49 -26.13 7.15
O3 NAG D . -15.23 -24.57 4.80
O4 NAG D . -12.42 -24.22 3.89
O5 NAG D . -12.16 -24.68 7.48
O6 NAG D . -11.43 -22.14 6.79
O7 NAG D . -17.41 -26.60 8.21
C1 NAG D . -12.49 -23.07 3.11
C2 NAG D . -11.30 -22.99 2.15
C3 NAG D . -11.56 -22.12 0.92
C4 NAG D . -13.02 -22.17 0.47
C5 NAG D . -13.93 -21.86 1.66
C6 NAG D . -15.38 -21.75 1.30
C7 NAG D . -9.05 -23.14 3.17
C8 NAG D . -9.04 -24.59 2.79
N2 NAG D . -10.14 -22.45 2.82
O3 NAG D . -10.70 -22.52 -0.13
O4 NAG D . -13.21 -21.16 -0.51
O5 NAG D . -13.79 -22.95 2.58
O6 NAG D . -16.13 -21.24 2.39
O7 NAG D . -8.12 -22.63 3.78
PA FAD E . -1.20 -8.10 4.50
O1A FAD E . -2.25 -9.13 4.71
O2A FAD E . 0.22 -8.50 4.36
O5B FAD E . -1.36 -6.97 5.62
C5B FAD E . -0.44 -5.83 5.66
C4B FAD E . -0.30 -5.37 7.11
O4B FAD E . -1.58 -4.96 7.64
C3B FAD E . 0.21 -6.44 8.07
O3B FAD E . 0.92 -5.85 9.14
C2B FAD E . -1.09 -7.07 8.59
O2B FAD E . -0.91 -7.71 9.84
C1B FAD E . -2.03 -5.87 8.63
N9A FAD E . -3.43 -6.24 8.37
C8A FAD E . -3.97 -7.08 7.44
N7A FAD E . -5.28 -7.25 7.56
C5A FAD E . -5.59 -6.45 8.65
C6A FAD E . -6.82 -6.19 9.30
N6A FAD E . -7.95 -6.77 8.93
N1A FAD E . -6.78 -5.42 10.40
C2A FAD E . -5.62 -4.90 10.79
N3A FAD E . -4.41 -5.01 10.23
C4A FAD E . -4.46 -5.84 9.17
N1 FAD E . -0.67 0.42 -1.90
C2 FAD E . -1.30 1.55 -2.38
O2 FAD E . -1.83 2.38 -1.66
N3 FAD E . -1.38 1.72 -3.76
C4 FAD E . -0.85 0.88 -4.73
O4 FAD E . -1.08 1.08 -5.92
C4X FAD E . -0.22 -0.27 -4.21
N5 FAD E . 0.29 -1.14 -5.07
C5X FAD E . 0.78 -2.32 -4.56
C6 FAD E . 1.24 -3.31 -5.45
C7 FAD E . 1.66 -4.55 -5.02
C7M FAD E . 2.15 -5.56 -6.03
C8 FAD E . 1.60 -4.85 -3.62
C8M FAD E . 2.03 -6.19 -3.05
C9 FAD E . 1.28 -3.84 -2.73
C9A FAD E . 0.81 -2.59 -3.18
N10 FAD E . 0.40 -1.59 -2.31
C10 FAD E . -0.18 -0.43 -2.77
C1' FAD E . 0.57 -1.76 -0.86
C2' FAD E . -0.59 -2.28 -0.05
O2' FAD E . -1.45 -1.16 0.13
C3' FAD E . -0.03 -2.77 1.28
O3' FAD E . 1.00 -3.76 1.17
C4' FAD E . -1.20 -3.33 2.10
O4' FAD E . -0.90 -3.25 3.49
C5' FAD E . -1.46 -4.74 1.68
O5' FAD E . -2.61 -5.22 2.37
P FAD E . -2.84 -6.81 2.36
O1P FAD E . -4.06 -7.07 3.16
O2P FAD E . -2.68 -7.37 1.00
O3P FAD E . -1.50 -7.28 3.17
C1 NAG F . 0.37 -30.58 -0.09
C2 NAG F . -0.78 -31.58 0.07
C3 NAG F . -0.83 -32.52 -1.13
C4 NAG F . -0.73 -31.75 -2.44
C5 NAG F . 0.55 -30.91 -2.43
C6 NAG F . 0.76 -30.12 -3.70
C7 NAG F . -1.48 -32.27 2.30
C8 NAG F . -1.18 -33.14 3.48
N2 NAG F . -0.62 -32.35 1.29
O3 NAG F . -2.04 -33.27 -1.07
O4 NAG F . -0.68 -32.65 -3.54
O5 NAG F . 0.45 -29.96 -1.36
O6 NAG F . -0.08 -28.98 -3.74
O7 NAG F . -2.46 -31.53 2.26
C1 NAG G . 1.24 19.24 -29.06
C2 NAG G . 0.55 19.47 -30.42
C3 NAG G . 1.56 19.29 -31.54
C4 NAG G . 2.81 20.14 -31.32
C5 NAG G . 3.41 19.83 -29.96
C6 NAG G . 4.55 20.77 -29.61
C7 NAG G . -1.87 18.84 -30.52
C8 NAG G . -2.30 20.08 -29.79
N2 NAG G . -0.56 18.56 -30.60
O3 NAG G . 0.92 19.65 -32.76
O4 NAG G . 3.78 19.87 -32.33
O5 NAG G . 2.43 20.01 -28.92
O6 NAG G . 5.32 20.26 -28.53
O7 NAG G . -2.70 18.07 -31.00
S SCN H . -16.58 -10.89 6.22
C SCN H . -17.31 -12.32 6.34
N SCN H . -17.95 -13.29 6.18
#